data_8OM0
#
_entry.id   8OM0
#
_cell.length_a   88.813
_cell.length_b   94.282
_cell.length_c   223.875
_cell.angle_alpha   90.00
_cell.angle_beta   90.00
_cell.angle_gamma   90.00
#
_symmetry.space_group_name_H-M   'P 21 21 21'
#
loop_
_entity.id
_entity.type
_entity.pdbx_description
1 polymer 'Domains 1-5'
2 non-polymer '3,4,5-trihydroxybenzoic acid'
3 non-polymer 'MAGNESIUM ION'
4 non-polymer 'SODIUM ION'
#
_entity_poly.entity_id   1
_entity_poly.type   'polyribonucleotide'
_entity_poly.pdbx_seq_one_letter_code
;GGGGUGUGCCCGGCAUGGGUGCAGUCUAUAGGGUGAGAGUCCCGAACUGUGAAGGCAGAAGUAACAGUUAGCCUAACGCA
AGGGUGUCCGUGGCGACAUGGAAUCUGAAGGAAGCGGACGGCAAACCUUCGGUCUGAGGAACACGAACUUCAUAUGAGGC
UAGGUAUCAAUGGAUGAGUUUGCAUAACAAAACAAAGUCCUUUCUGCCAAAGUUGGUACAGAGUAAAUGAAGCAGAUUGA
UGAAGGGAAAGACUGCAUUCUUACCCGGGGAGGUCUGGAAACAGAAGUCAGCAGAAGUCAUAGUACCCUGUUCGCAGGGG
AAGGACGGAACAAGUAUGGCGUUCGCGCCUAAGCUUGAACCGCCGUAUACCGAACGGUACGUACGGUGGUGUGG
;
_entity_poly.pdbx_strand_id   A
#